data_1A2N
#
_entry.id   1A2N
#
_cell.length_a   111.150
_cell.length_b   111.150
_cell.length_c   67.510
_cell.angle_alpha   90.00
_cell.angle_beta   90.00
_cell.angle_gamma   120.00
#
_symmetry.space_group_name_H-M   'P 3 2 1'
#
loop_
_entity.id
_entity.type
_entity.pdbx_description
1 polymer 'UDP-N-ACETYLGLUCOSAMINE ENOLPYRUVYL TRANSFERASE'
2 non-polymer 'URIDINE-DIPHOSPHATE-2(N-ACETYLGLUCOSAMINYL-3-FLUORO-2-PHOSPHONOOXY)PROPIONIC ACID'
3 water water
#
_entity_poly.entity_id   1
_entity_poly.type   'polypeptide(L)'
_entity_poly.pdbx_seq_one_letter_code
;MDKFRVQGPTKLQGEVTISGAKNAALPILFAALLAEEPVEIQNVPKLKDVDTSMKLLSQLGAKVERNGSVHIDARDVNVF
CAPYDLVKTMRASIWALGPLVARFGQGQVSLPGGATIGARPVDLHISGLEQLGATIKLEEGYVKASVDGRLKGAHIVMDK
VSVGATVTIMCAATLAEGTTIIENAAREPEIVDTANFLITLGAKISGQGTDRIVIEGVERLGGGVYRVLPDRIETGTFLV
AAAISRGKIICRNAQPDTLDAVLAKLRDAGADIEVGEDWISLDMHGKRPKAVNVRTAPHPAFPTDMQAQFTLLNLVAEGT
GFITETVFENRFMHVPELSRMGAHAEIESNTVICHGVEKLSGAQVMATDLRASASLVLAGCIAEGTTVVDRIYHIDRGYE
RIEDKLRALGANIERVKGE
;
_entity_poly.pdbx_strand_id   A
#
loop_
_chem_comp.id
_chem_comp.type
_chem_comp.name
_chem_comp.formula
TET non-polymer 'URIDINE-DIPHOSPHATE-2(N-ACETYLGLUCOSAMINYL-3-FLUORO-2-PHOSPHONOOXY)PROPIONIC ACID' 'C20 H31 F N3 O23 P3'
#
# COMPACT_ATOMS: atom_id res chain seq x y z
N MET A 1 -20.72 12.97 -3.61
CA MET A 1 -19.53 12.54 -2.83
C MET A 1 -19.84 11.58 -1.74
N ASP A 2 -19.77 10.26 -2.01
CA ASP A 2 -20.20 9.39 -0.90
C ASP A 2 -19.42 9.62 0.44
N LYS A 3 -20.21 9.66 1.51
CA LYS A 3 -19.67 9.73 2.87
C LYS A 3 -19.94 8.44 3.66
N PHE A 4 -19.17 8.17 4.73
CA PHE A 4 -19.72 7.19 5.68
C PHE A 4 -20.39 7.82 6.89
N ARG A 5 -21.58 7.33 7.21
CA ARG A 5 -22.17 7.71 8.49
C ARG A 5 -22.14 6.56 9.49
N VAL A 6 -21.25 6.75 10.47
CA VAL A 6 -20.98 5.78 11.53
C VAL A 6 -21.57 6.18 12.88
N GLN A 7 -22.13 5.19 13.56
CA GLN A 7 -22.61 5.45 14.95
C GLN A 7 -21.94 4.66 16.04
N GLY A 8 -21.29 5.37 16.93
CA GLY A 8 -20.86 4.60 18.12
C GLY A 8 -21.40 5.09 19.47
N PRO A 9 -20.89 4.53 20.55
CA PRO A 9 -19.86 3.47 20.51
C PRO A 9 -20.30 2.07 20.11
N THR A 10 -19.28 1.37 19.62
CA THR A 10 -19.57 0.04 19.14
C THR A 10 -18.34 -0.81 19.33
N LYS A 11 -18.52 -2.11 19.44
CA LYS A 11 -17.35 -2.89 19.81
C LYS A 11 -17.04 -3.91 18.74
N LEU A 12 -15.89 -3.62 18.07
CA LEU A 12 -15.37 -4.37 16.94
C LEU A 12 -14.75 -5.67 17.39
N GLN A 13 -15.59 -6.66 17.21
CA GLN A 13 -15.10 -7.96 17.63
C GLN A 13 -15.72 -9.02 16.76
N GLY A 14 -14.96 -10.12 16.59
CA GLY A 14 -15.38 -11.11 15.60
C GLY A 14 -14.24 -11.79 14.87
N GLU A 15 -14.45 -11.96 13.56
CA GLU A 15 -13.36 -12.36 12.64
C GLU A 15 -13.43 -11.67 11.32
N VAL A 16 -12.27 -11.61 10.70
CA VAL A 16 -12.22 -11.00 9.36
C VAL A 16 -11.30 -11.77 8.45
N THR A 17 -11.79 -12.00 7.21
CA THR A 17 -10.76 -12.59 6.33
C THR A 17 -9.99 -11.52 5.59
N ILE A 18 -8.66 -11.73 5.53
CA ILE A 18 -7.75 -10.70 5.02
C ILE A 18 -7.53 -10.88 3.50
N SER A 19 -7.61 -9.75 2.76
CA SER A 19 -7.36 -9.68 1.28
C SER A 19 -5.93 -9.59 0.71
N GLY A 20 -5.85 -9.71 -0.61
CA GLY A 20 -4.48 -9.63 -1.09
C GLY A 20 -3.92 -8.24 -0.99
N ALA A 21 -2.61 -8.19 -0.89
CA ALA A 21 -2.08 -6.87 -0.73
C ALA A 21 -2.29 -5.96 -1.89
N LYS A 22 -3.12 -4.93 -1.65
CA LYS A 22 -3.12 -3.74 -2.53
C LYS A 22 -1.79 -3.46 -3.21
N ASN A 23 -0.74 -3.30 -2.35
CA ASN A 23 0.62 -2.85 -2.72
C ASN A 23 1.60 -3.98 -3.14
N ALA A 24 1.07 -5.22 -3.13
CA ALA A 24 1.71 -6.24 -4.01
C ALA A 24 1.04 -6.34 -5.37
N ALA A 25 -0.33 -6.45 -5.31
CA ALA A 25 -1.18 -6.44 -6.49
C ALA A 25 -0.80 -5.34 -7.44
N LEU A 26 -0.70 -4.12 -6.94
CA LEU A 26 -0.37 -3.08 -7.91
C LEU A 26 0.96 -3.22 -8.66
N PRO A 27 2.08 -3.39 -7.95
CA PRO A 27 3.29 -3.66 -8.74
C PRO A 27 3.22 -4.84 -9.71
N ILE A 28 2.78 -5.99 -9.23
CA ILE A 28 2.61 -7.13 -10.13
C ILE A 28 1.69 -6.92 -11.35
N LEU A 29 0.64 -6.10 -11.26
CA LEU A 29 -0.10 -5.92 -12.51
C LEU A 29 0.68 -5.21 -13.58
N PHE A 30 1.43 -4.22 -13.13
CA PHE A 30 2.36 -3.61 -14.09
C PHE A 30 3.56 -4.41 -14.53
N ALA A 31 4.20 -5.10 -13.61
CA ALA A 31 5.20 -6.09 -14.02
C ALA A 31 4.80 -7.09 -15.13
N ALA A 32 3.51 -7.45 -15.11
CA ALA A 32 3.02 -8.30 -16.19
C ALA A 32 3.14 -7.73 -17.60
N LEU A 33 3.35 -6.41 -17.68
CA LEU A 33 3.66 -5.88 -19.01
C LEU A 33 4.84 -6.52 -19.68
N LEU A 34 5.74 -7.13 -18.88
CA LEU A 34 6.85 -7.90 -19.46
C LEU A 34 6.55 -9.33 -19.90
N ALA A 35 5.37 -9.79 -19.53
CA ALA A 35 5.20 -11.25 -19.76
C ALA A 35 4.71 -11.63 -21.12
N GLU A 36 5.44 -12.56 -21.67
CA GLU A 36 5.05 -12.91 -23.03
C GLU A 36 4.36 -14.22 -23.27
N GLU A 37 3.96 -14.89 -22.17
CA GLU A 37 2.86 -15.88 -22.31
C GLU A 37 1.73 -15.44 -21.35
N PRO A 38 0.45 -15.84 -21.45
CA PRO A 38 -0.53 -15.46 -20.39
C PRO A 38 -0.22 -15.60 -18.89
N VAL A 39 -0.75 -14.60 -18.19
CA VAL A 39 -0.55 -14.58 -16.72
C VAL A 39 -1.84 -14.67 -15.89
N GLU A 40 -1.90 -15.67 -14.99
CA GLU A 40 -2.88 -15.55 -13.91
C GLU A 40 -2.33 -15.10 -12.58
N ILE A 41 -2.87 -13.95 -12.08
CA ILE A 41 -2.65 -13.43 -10.71
C ILE A 41 -3.88 -13.63 -9.81
N GLN A 42 -3.68 -14.57 -8.87
CA GLN A 42 -4.73 -14.88 -7.89
C GLN A 42 -4.67 -14.02 -6.64
N ASN A 43 -5.78 -14.00 -5.88
CA ASN A 43 -5.89 -13.16 -4.69
C ASN A 43 -5.70 -11.66 -4.94
N VAL A 44 -6.31 -11.22 -6.04
CA VAL A 44 -6.16 -9.76 -6.25
C VAL A 44 -7.34 -9.11 -5.59
N PRO A 45 -7.12 -8.15 -4.68
CA PRO A 45 -8.28 -7.49 -4.12
C PRO A 45 -9.04 -6.73 -5.22
N LYS A 46 -10.25 -6.26 -4.84
CA LYS A 46 -11.04 -5.38 -5.69
C LYS A 46 -11.00 -3.94 -5.25
N LEU A 47 -9.93 -3.27 -5.69
CA LEU A 47 -9.71 -1.88 -5.26
C LEU A 47 -9.75 -0.91 -6.38
N LYS A 48 -10.21 0.29 -6.10
CA LYS A 48 -10.21 1.32 -7.14
C LYS A 48 -9.02 1.27 -8.11
N ASP A 49 -7.83 1.42 -7.54
CA ASP A 49 -6.60 1.28 -8.34
C ASP A 49 -6.33 -0.03 -9.11
N VAL A 50 -6.71 -1.19 -8.54
CA VAL A 50 -6.65 -2.37 -9.42
C VAL A 50 -7.51 -2.18 -10.65
N ASP A 51 -8.73 -1.68 -10.43
CA ASP A 51 -9.56 -1.39 -11.60
C ASP A 51 -9.04 -0.35 -12.61
N THR A 52 -8.58 0.85 -12.17
CA THR A 52 -7.78 1.70 -13.07
C THR A 52 -6.58 1.07 -13.81
N SER A 53 -5.67 0.35 -13.07
CA SER A 53 -4.61 -0.49 -13.68
C SER A 53 -5.02 -1.49 -14.74
N MET A 54 -6.17 -2.10 -14.49
CA MET A 54 -6.62 -3.05 -15.53
C MET A 54 -7.15 -2.39 -16.78
N LYS A 55 -7.86 -1.31 -16.51
CA LYS A 55 -8.14 -0.47 -17.66
C LYS A 55 -6.98 0.01 -18.54
N LEU A 56 -5.90 0.47 -17.89
CA LEU A 56 -4.67 0.84 -18.63
C LEU A 56 -3.96 -0.33 -19.32
N LEU A 57 -3.76 -1.40 -18.57
CA LEU A 57 -3.20 -2.60 -19.19
C LEU A 57 -3.83 -2.94 -20.53
N SER A 58 -5.18 -2.83 -20.55
CA SER A 58 -5.91 -3.01 -21.82
C SER A 58 -5.98 -1.83 -22.78
N GLN A 59 -5.79 -0.64 -22.25
CA GLN A 59 -5.47 0.43 -23.21
C GLN A 59 -4.10 0.36 -23.91
N LEU A 60 -3.17 -0.34 -23.30
CA LEU A 60 -1.92 -0.60 -24.02
C LEU A 60 -1.98 -1.84 -24.91
N GLY A 61 -3.13 -2.51 -24.84
CA GLY A 61 -3.26 -3.68 -25.73
C GLY A 61 -3.05 -5.05 -25.13
N ALA A 62 -3.05 -5.05 -23.79
CA ALA A 62 -3.14 -6.39 -23.19
C ALA A 62 -4.57 -6.83 -23.10
N LYS A 63 -4.75 -8.13 -23.01
CA LYS A 63 -6.08 -8.75 -22.90
C LYS A 63 -6.28 -9.10 -21.47
N VAL A 64 -7.31 -8.55 -20.89
CA VAL A 64 -7.39 -8.57 -19.41
C VAL A 64 -8.83 -8.87 -19.00
N GLU A 65 -8.94 -9.83 -18.06
CA GLU A 65 -10.21 -10.02 -17.38
C GLU A 65 -10.01 -10.52 -15.97
N ARG A 66 -10.99 -10.36 -15.11
CA ARG A 66 -10.82 -10.85 -13.75
C ARG A 66 -12.01 -11.35 -12.92
N ASN A 67 -11.72 -11.52 -11.63
CA ASN A 67 -12.79 -11.95 -10.75
C ASN A 67 -12.20 -12.18 -9.45
N GLY A 68 -11.88 -13.45 -9.07
CA GLY A 68 -10.99 -13.49 -7.87
C GLY A 68 -9.49 -13.27 -8.10
N SER A 69 -9.14 -13.72 -9.34
CA SER A 69 -7.87 -13.46 -10.00
C SER A 69 -8.00 -12.51 -11.13
N VAL A 70 -6.92 -11.74 -11.38
CA VAL A 70 -6.93 -11.07 -12.67
C VAL A 70 -6.15 -11.87 -13.66
N HIS A 71 -6.73 -12.09 -14.83
CA HIS A 71 -6.08 -12.64 -16.05
C HIS A 71 -5.57 -11.63 -17.06
N ILE A 72 -4.24 -11.70 -17.24
CA ILE A 72 -3.59 -10.84 -18.25
C ILE A 72 -2.80 -11.53 -19.35
N ASP A 73 -3.35 -11.44 -20.56
CA ASP A 73 -2.52 -11.73 -21.72
C ASP A 73 -1.94 -10.51 -22.39
N ALA A 74 -0.65 -10.37 -22.22
CA ALA A 74 0.12 -9.21 -22.62
C ALA A 74 1.00 -9.36 -23.85
N ARG A 75 0.76 -10.46 -24.56
CA ARG A 75 1.51 -10.60 -25.82
C ARG A 75 1.31 -9.51 -26.90
N ASP A 76 0.11 -8.96 -27.00
CA ASP A 76 0.02 -7.97 -28.08
C ASP A 76 -0.06 -6.53 -27.67
N VAL A 77 0.49 -6.21 -26.47
CA VAL A 77 0.68 -4.79 -26.17
C VAL A 77 1.27 -4.03 -27.35
N ASN A 78 0.54 -3.02 -27.72
CA ASN A 78 1.05 -2.19 -28.81
C ASN A 78 1.06 -0.71 -28.57
N VAL A 79 0.19 -0.24 -27.69
CA VAL A 79 0.47 1.15 -27.28
C VAL A 79 1.49 1.21 -26.16
N PHE A 80 2.25 2.31 -26.18
CA PHE A 80 3.32 2.45 -25.19
C PHE A 80 3.22 3.70 -24.34
N CYS A 81 2.15 4.44 -24.66
CA CYS A 81 1.79 5.65 -23.92
C CYS A 81 0.55 5.42 -23.16
N ALA A 82 0.69 5.68 -21.86
CA ALA A 82 -0.53 5.70 -21.08
C ALA A 82 -1.34 7.02 -21.22
N PRO A 83 -2.61 6.82 -21.46
CA PRO A 83 -3.45 8.01 -21.43
C PRO A 83 -3.62 8.68 -20.06
N TYR A 84 -3.37 9.98 -20.03
CA TYR A 84 -3.68 10.81 -18.83
C TYR A 84 -4.94 10.47 -18.05
N ASP A 85 -6.02 10.11 -18.78
CA ASP A 85 -7.32 9.78 -18.11
C ASP A 85 -7.45 8.55 -17.16
N LEU A 86 -6.61 7.56 -17.50
CA LEU A 86 -6.35 6.53 -16.48
C LEU A 86 -5.30 6.88 -15.43
N VAL A 87 -4.23 7.47 -15.96
CA VAL A 87 -3.09 7.81 -15.10
C VAL A 87 -3.17 8.87 -13.99
N LYS A 88 -4.18 9.76 -14.05
CA LYS A 88 -4.19 10.83 -13.03
C LYS A 88 -4.85 10.46 -11.70
N THR A 89 -5.69 9.44 -11.84
CA THR A 89 -6.28 8.84 -10.61
C THR A 89 -5.32 8.06 -9.71
N MET A 90 -4.27 7.48 -10.40
CA MET A 90 -3.26 6.65 -9.68
C MET A 90 -1.74 6.90 -9.89
N ARG A 91 -1.08 7.19 -8.76
CA ARG A 91 0.41 7.25 -8.78
C ARG A 91 1.07 5.93 -9.28
N ALA A 92 0.28 4.83 -9.34
CA ALA A 92 0.92 3.53 -9.54
C ALA A 92 1.19 3.20 -10.97
N SER A 93 0.65 4.07 -11.83
CA SER A 93 0.87 3.90 -13.27
C SER A 93 2.27 4.26 -13.79
N ILE A 94 3.14 4.84 -12.87
CA ILE A 94 4.56 5.11 -13.19
C ILE A 94 5.38 3.84 -13.36
N TRP A 95 4.78 2.77 -12.85
CA TRP A 95 5.37 1.45 -13.02
C TRP A 95 5.06 0.77 -14.35
N ALA A 96 4.30 1.45 -15.22
CA ALA A 96 4.30 0.90 -16.57
C ALA A 96 5.61 1.24 -17.33
N LEU A 97 6.16 2.40 -16.90
CA LEU A 97 7.32 2.89 -17.58
C LEU A 97 8.42 1.91 -17.73
N GLY A 98 8.83 1.31 -16.65
CA GLY A 98 9.99 0.41 -16.79
C GLY A 98 9.82 -0.85 -17.58
N PRO A 99 8.69 -1.48 -17.38
CA PRO A 99 8.26 -2.52 -18.31
C PRO A 99 8.19 -2.16 -19.78
N LEU A 100 7.53 -1.02 -20.05
CA LEU A 100 7.61 -0.64 -21.45
C LEU A 100 9.01 -0.28 -21.98
N VAL A 101 9.85 0.39 -21.18
CA VAL A 101 11.22 0.57 -21.70
C VAL A 101 12.06 -0.68 -21.87
N ALA A 102 11.95 -1.58 -20.89
CA ALA A 102 12.77 -2.78 -20.99
C ALA A 102 12.44 -3.71 -22.16
N ARG A 103 11.15 -3.72 -22.42
CA ARG A 103 10.69 -4.74 -23.35
C ARG A 103 10.32 -4.24 -24.73
N PHE A 104 9.95 -2.94 -24.77
CA PHE A 104 9.63 -2.22 -26.00
C PHE A 104 10.56 -1.08 -26.45
N GLY A 105 11.62 -0.78 -25.67
CA GLY A 105 12.52 0.36 -26.00
C GLY A 105 11.99 1.81 -25.94
N GLN A 106 10.67 1.91 -25.65
CA GLN A 106 10.04 3.17 -25.16
C GLN A 106 8.84 3.03 -24.20
N GLY A 107 8.45 4.16 -23.64
CA GLY A 107 7.31 4.20 -22.77
C GLY A 107 7.00 5.64 -22.38
N GLN A 108 5.72 5.93 -22.19
CA GLN A 108 5.44 7.34 -21.83
C GLN A 108 4.33 7.37 -20.78
N VAL A 109 4.72 7.79 -19.60
CA VAL A 109 3.72 7.81 -18.55
C VAL A 109 3.66 9.23 -18.10
N SER A 110 2.46 9.68 -17.80
CA SER A 110 2.32 11.00 -17.18
C SER A 110 2.95 11.04 -15.85
N LEU A 111 3.40 12.26 -15.56
CA LEU A 111 3.91 12.55 -14.22
C LEU A 111 2.72 12.56 -13.21
N PRO A 112 2.89 11.83 -12.08
CA PRO A 112 1.71 11.59 -11.27
C PRO A 112 1.28 12.87 -10.62
N GLY A 113 -0.02 13.04 -10.67
CA GLY A 113 -0.41 14.38 -10.29
C GLY A 113 -1.50 14.33 -9.26
N GLY A 114 -1.38 15.32 -8.34
CA GLY A 114 -2.10 15.23 -7.06
C GLY A 114 -1.32 14.52 -5.95
N ALA A 115 -0.70 15.38 -5.12
CA ALA A 115 -0.11 14.80 -3.92
C ALA A 115 -1.13 14.70 -2.79
N THR A 116 -0.77 13.91 -1.79
CA THR A 116 -1.38 14.28 -0.52
C THR A 116 -0.41 14.16 0.62
N ILE A 117 0.23 12.97 0.77
CA ILE A 117 1.08 12.77 1.96
C ILE A 117 2.56 13.22 1.95
N GLY A 118 2.85 13.91 0.88
CA GLY A 118 4.16 14.55 0.66
C GLY A 118 4.30 15.04 -0.78
N ALA A 119 5.48 15.55 -1.12
CA ALA A 119 5.71 15.85 -2.52
C ALA A 119 5.80 14.65 -3.50
N ARG A 120 6.35 13.56 -2.93
CA ARG A 120 6.36 12.31 -3.70
C ARG A 120 6.98 12.28 -5.13
N PRO A 121 8.23 12.85 -5.23
CA PRO A 121 8.85 12.78 -6.57
C PRO A 121 9.10 11.35 -7.05
N VAL A 122 9.31 11.23 -8.40
CA VAL A 122 9.84 9.96 -8.94
C VAL A 122 11.20 10.01 -9.54
N ASP A 123 11.87 11.10 -9.26
CA ASP A 123 13.31 11.05 -9.46
C ASP A 123 14.16 9.80 -9.15
N LEU A 124 13.69 8.82 -8.41
CA LEU A 124 14.58 7.66 -8.23
C LEU A 124 14.22 6.54 -9.20
N HIS A 125 13.00 6.63 -9.70
CA HIS A 125 12.70 5.83 -10.90
C HIS A 125 13.56 6.27 -12.13
N ILE A 126 13.37 7.56 -12.43
CA ILE A 126 14.08 8.15 -13.57
C ILE A 126 15.57 7.89 -13.53
N SER A 127 16.11 8.15 -12.35
CA SER A 127 17.54 7.88 -12.21
C SER A 127 18.00 6.49 -12.46
N GLY A 128 17.20 5.56 -12.03
CA GLY A 128 17.68 4.18 -12.18
C GLY A 128 17.48 3.63 -13.57
N LEU A 129 16.29 3.92 -14.10
CA LEU A 129 16.14 3.72 -15.55
C LEU A 129 17.22 4.33 -16.40
N GLU A 130 17.53 5.60 -16.10
CA GLU A 130 18.72 6.15 -16.76
C GLU A 130 19.99 5.40 -16.52
N GLN A 131 20.18 5.05 -15.27
CA GLN A 131 21.44 4.33 -15.11
C GLN A 131 21.57 2.99 -15.78
N LEU A 132 20.41 2.41 -15.99
CA LEU A 132 20.35 1.19 -16.77
C LEU A 132 20.33 1.37 -18.30
N GLY A 133 20.41 2.62 -18.70
CA GLY A 133 20.45 2.82 -20.13
C GLY A 133 19.48 3.85 -20.66
N ALA A 134 18.27 3.94 -20.06
CA ALA A 134 17.27 4.78 -20.66
C ALA A 134 17.61 6.23 -20.82
N THR A 135 16.86 6.84 -21.74
CA THR A 135 16.77 8.29 -21.99
C THR A 135 15.39 8.81 -21.65
N ILE A 136 15.42 9.60 -20.60
CA ILE A 136 14.17 10.12 -20.08
C ILE A 136 14.07 11.56 -20.48
N LYS A 137 13.00 11.88 -21.12
CA LYS A 137 12.70 13.30 -21.10
C LYS A 137 11.37 13.58 -20.41
N LEU A 138 11.24 14.81 -19.93
CA LEU A 138 10.04 15.26 -19.21
C LEU A 138 9.39 16.39 -19.95
N GLU A 139 8.25 16.14 -20.63
CA GLU A 139 7.60 17.30 -21.29
C GLU A 139 6.11 17.14 -21.52
N GLU A 140 5.36 18.27 -21.48
CA GLU A 140 3.88 18.15 -21.53
C GLU A 140 3.24 17.25 -20.46
N GLY A 141 3.86 17.39 -19.25
CA GLY A 141 3.32 16.58 -18.16
C GLY A 141 3.49 15.07 -18.26
N TYR A 142 4.53 14.74 -19.03
CA TYR A 142 4.83 13.33 -19.26
C TYR A 142 6.30 13.04 -19.03
N VAL A 143 6.48 11.81 -18.63
CA VAL A 143 7.79 11.18 -18.57
C VAL A 143 7.89 10.24 -19.72
N LYS A 144 8.69 10.73 -20.66
CA LYS A 144 9.01 9.93 -21.84
C LYS A 144 10.31 9.19 -21.68
N ALA A 145 10.19 7.90 -21.53
CA ALA A 145 11.46 7.21 -21.61
C ALA A 145 11.66 6.45 -22.91
N SER A 146 12.91 6.30 -23.28
CA SER A 146 13.22 5.42 -24.42
C SER A 146 14.65 4.93 -24.31
N VAL A 147 14.97 3.74 -24.87
CA VAL A 147 16.32 3.20 -25.15
C VAL A 147 16.33 2.48 -26.49
N ASP A 148 17.37 2.76 -27.27
CA ASP A 148 17.57 2.00 -28.54
C ASP A 148 18.30 0.73 -28.27
N GLY A 149 17.68 -0.38 -28.65
CA GLY A 149 18.19 -1.61 -28.03
C GLY A 149 17.87 -1.91 -26.53
N ARG A 150 18.37 -3.06 -26.06
CA ARG A 150 18.23 -3.28 -24.63
C ARG A 150 18.99 -2.32 -23.70
N LEU A 151 18.42 -2.34 -22.50
CA LEU A 151 19.08 -1.80 -21.34
C LEU A 151 20.32 -2.64 -20.99
N LYS A 152 21.18 -1.96 -20.26
CA LYS A 152 22.36 -2.66 -19.77
C LYS A 152 22.38 -2.65 -18.27
N GLY A 153 22.41 -3.86 -17.72
CA GLY A 153 22.40 -3.85 -16.27
C GLY A 153 23.47 -3.02 -15.68
N ALA A 154 23.18 -2.53 -14.50
CA ALA A 154 24.19 -1.67 -13.82
C ALA A 154 24.29 -1.96 -12.34
N HIS A 155 25.31 -1.37 -11.72
CA HIS A 155 25.42 -1.39 -10.27
C HIS A 155 24.81 -0.13 -9.71
N ILE A 156 23.57 -0.28 -9.25
CA ILE A 156 22.79 0.87 -8.77
C ILE A 156 22.61 0.85 -7.26
N VAL A 157 23.38 1.74 -6.61
CA VAL A 157 23.21 2.20 -5.23
C VAL A 157 22.10 3.22 -5.14
N MET A 158 21.07 2.84 -4.38
CA MET A 158 19.99 3.78 -4.17
C MET A 158 20.22 4.64 -3.00
N ASP A 159 19.99 5.89 -3.32
CA ASP A 159 20.34 7.01 -2.42
C ASP A 159 19.56 7.11 -1.08
N LYS A 160 18.24 6.92 -1.25
CA LYS A 160 17.31 6.60 -0.17
C LYS A 160 16.43 5.37 -0.45
N VAL A 161 15.99 4.70 0.63
CA VAL A 161 14.98 3.64 0.45
C VAL A 161 13.68 4.12 -0.20
N SER A 162 13.36 3.36 -1.20
CA SER A 162 12.16 3.63 -1.94
C SER A 162 11.63 2.31 -2.34
N VAL A 163 10.39 1.98 -1.89
CA VAL A 163 9.73 0.77 -2.38
C VAL A 163 9.47 0.86 -3.87
N GLY A 164 8.82 1.94 -4.27
CA GLY A 164 8.59 1.99 -5.71
C GLY A 164 9.79 2.04 -6.68
N ALA A 165 10.79 2.87 -6.36
CA ALA A 165 11.96 2.87 -7.24
C ALA A 165 12.64 1.51 -7.37
N THR A 166 12.97 0.91 -6.25
CA THR A 166 13.22 -0.54 -6.27
C THR A 166 12.37 -1.41 -7.19
N VAL A 167 11.04 -1.16 -7.21
CA VAL A 167 10.29 -1.92 -8.19
C VAL A 167 10.61 -1.64 -9.66
N THR A 168 10.56 -0.37 -10.03
CA THR A 168 10.98 0.03 -11.38
C THR A 168 12.33 -0.47 -11.84
N ILE A 169 13.35 -0.25 -11.03
CA ILE A 169 14.61 -0.88 -11.40
C ILE A 169 14.59 -2.39 -11.37
N MET A 170 13.75 -2.96 -10.53
CA MET A 170 13.84 -4.43 -10.53
C MET A 170 13.22 -5.12 -11.71
N CYS A 171 11.97 -4.77 -11.94
CA CYS A 171 11.33 -5.03 -13.24
C CYS A 171 12.08 -4.68 -14.55
N ALA A 172 12.40 -3.37 -14.73
CA ALA A 172 13.24 -3.05 -15.89
C ALA A 172 14.54 -3.83 -16.02
N ALA A 173 15.29 -3.96 -14.91
CA ALA A 173 16.40 -4.95 -15.01
C ALA A 173 16.21 -6.40 -15.42
N THR A 174 14.97 -6.90 -15.43
CA THR A 174 14.90 -8.31 -15.88
C THR A 174 15.09 -8.56 -17.37
N LEU A 175 14.76 -7.55 -18.17
CA LEU A 175 15.11 -7.74 -19.58
C LEU A 175 16.34 -7.01 -20.02
N ALA A 176 17.26 -6.89 -19.11
CA ALA A 176 18.45 -6.11 -19.47
C ALA A 176 19.65 -6.99 -19.79
N GLU A 177 20.62 -6.32 -20.37
CA GLU A 177 21.80 -7.04 -20.76
C GLU A 177 22.76 -7.12 -19.66
N GLY A 178 22.59 -8.16 -18.89
CA GLY A 178 23.57 -8.39 -17.85
C GLY A 178 23.06 -8.35 -16.46
N THR A 179 23.99 -7.95 -15.61
CA THR A 179 23.66 -8.00 -14.20
C THR A 179 23.50 -6.66 -13.56
N THR A 180 22.28 -6.56 -13.01
CA THR A 180 21.98 -5.46 -12.09
C THR A 180 22.07 -5.75 -10.61
N ILE A 181 22.74 -4.84 -9.95
CA ILE A 181 22.74 -4.86 -8.50
C ILE A 181 22.13 -3.60 -7.90
N ILE A 182 21.09 -3.82 -7.10
CA ILE A 182 20.52 -2.67 -6.41
C ILE A 182 20.90 -2.71 -4.95
N GLU A 183 21.79 -1.80 -4.60
CA GLU A 183 22.12 -1.63 -3.18
C GLU A 183 21.22 -0.63 -2.44
N ASN A 184 20.89 -1.01 -1.20
CA ASN A 184 19.93 -0.25 -0.41
C ASN A 184 18.49 -0.39 -0.94
N ALA A 185 18.37 -1.61 -1.47
CA ALA A 185 17.04 -1.98 -1.94
C ALA A 185 16.03 -1.91 -0.78
N ALA A 186 14.85 -1.43 -1.13
CA ALA A 186 13.75 -1.63 -0.21
C ALA A 186 13.41 -3.11 0.05
N ARG A 187 13.33 -3.45 1.34
CA ARG A 187 13.16 -4.81 1.83
C ARG A 187 11.77 -5.42 2.02
N GLU A 188 10.77 -4.54 1.78
CA GLU A 188 9.34 -4.85 2.00
C GLU A 188 8.81 -6.15 1.44
N PRO A 189 7.74 -6.65 2.04
CA PRO A 189 7.17 -7.88 1.49
C PRO A 189 6.63 -7.78 0.08
N GLU A 190 6.16 -6.59 -0.29
CA GLU A 190 5.63 -6.54 -1.65
C GLU A 190 6.69 -6.51 -2.70
N ILE A 191 7.83 -5.97 -2.29
CA ILE A 191 9.00 -6.16 -3.13
C ILE A 191 9.52 -7.58 -3.31
N VAL A 192 9.74 -8.22 -2.18
CA VAL A 192 9.84 -9.71 -2.30
C VAL A 192 8.82 -10.48 -3.17
N ASP A 193 7.53 -10.19 -2.98
CA ASP A 193 6.41 -10.84 -3.69
C ASP A 193 6.50 -10.62 -5.17
N THR A 194 6.56 -9.31 -5.48
CA THR A 194 6.83 -8.91 -6.84
C THR A 194 8.02 -9.65 -7.43
N ALA A 195 9.16 -9.67 -6.74
CA ALA A 195 10.28 -10.39 -7.35
C ALA A 195 10.05 -11.83 -7.61
N ASN A 196 9.26 -12.43 -6.74
CA ASN A 196 8.87 -13.83 -6.91
C ASN A 196 7.90 -14.06 -8.00
N PHE A 197 7.12 -13.03 -8.31
CA PHE A 197 6.32 -13.14 -9.51
C PHE A 197 7.18 -13.15 -10.76
N LEU A 198 7.91 -12.07 -10.94
CA LEU A 198 8.98 -12.09 -11.92
C LEU A 198 9.73 -13.42 -12.05
N ILE A 199 10.16 -13.90 -10.89
CA ILE A 199 10.80 -15.21 -10.96
C ILE A 199 9.93 -16.35 -11.49
N THR A 200 8.65 -16.45 -11.09
CA THR A 200 7.74 -17.40 -11.77
C THR A 200 7.67 -17.32 -13.31
N LEU A 201 7.55 -16.06 -13.75
CA LEU A 201 7.68 -15.72 -15.17
C LEU A 201 9.06 -16.06 -15.77
N GLY A 202 9.99 -16.32 -14.87
CA GLY A 202 11.32 -16.75 -15.31
C GLY A 202 12.43 -15.74 -15.23
N ALA A 203 12.20 -14.72 -14.40
CA ALA A 203 13.29 -13.77 -14.19
C ALA A 203 14.38 -14.42 -13.40
N LYS A 204 15.55 -13.80 -13.36
CA LYS A 204 16.62 -14.31 -12.51
C LYS A 204 17.08 -13.27 -11.49
N ILE A 205 16.36 -13.31 -10.38
CA ILE A 205 16.52 -12.37 -9.25
C ILE A 205 16.92 -13.12 -7.96
N SER A 206 17.90 -12.57 -7.25
CA SER A 206 18.13 -13.05 -5.88
C SER A 206 18.52 -11.98 -4.90
N GLY A 207 18.06 -12.24 -3.66
CA GLY A 207 18.38 -11.33 -2.56
C GLY A 207 17.36 -10.26 -2.19
N GLN A 208 16.19 -10.26 -2.88
CA GLN A 208 14.96 -9.58 -2.37
C GLN A 208 14.52 -10.05 -0.95
N GLY A 209 13.92 -9.13 -0.21
CA GLY A 209 13.99 -9.13 1.25
C GLY A 209 15.26 -8.51 1.83
N THR A 210 16.38 -8.72 1.09
CA THR A 210 17.65 -8.11 1.56
C THR A 210 17.81 -6.71 1.08
N ASP A 211 18.77 -6.04 1.68
CA ASP A 211 19.10 -4.70 1.19
C ASP A 211 19.85 -4.61 -0.15
N ARG A 212 20.07 -5.76 -0.79
CA ARG A 212 20.83 -5.76 -2.02
C ARG A 212 20.18 -6.79 -2.82
N ILE A 213 19.45 -6.30 -3.81
CA ILE A 213 18.92 -7.25 -4.80
C ILE A 213 19.80 -7.42 -6.04
N VAL A 214 19.85 -8.67 -6.48
CA VAL A 214 20.52 -8.95 -7.77
C VAL A 214 19.66 -9.55 -8.93
N ILE A 215 19.69 -8.91 -10.09
CA ILE A 215 18.94 -9.45 -11.25
C ILE A 215 19.79 -9.69 -12.52
N GLU A 216 19.95 -10.95 -12.93
CA GLU A 216 20.53 -10.93 -14.25
C GLU A 216 19.51 -11.04 -15.32
N GLY A 217 19.64 -10.16 -16.30
CA GLY A 217 18.71 -10.11 -17.42
C GLY A 217 18.56 -11.38 -18.26
N VAL A 218 17.34 -11.58 -18.68
CA VAL A 218 17.09 -12.62 -19.65
C VAL A 218 16.54 -12.02 -20.94
N GLU A 219 16.11 -12.89 -21.87
CA GLU A 219 15.62 -12.23 -23.09
C GLU A 219 14.12 -12.11 -23.29
N ARG A 220 13.48 -12.96 -22.50
CA ARG A 220 12.03 -13.11 -22.59
C ARG A 220 11.43 -13.73 -21.33
N LEU A 221 10.31 -13.15 -20.94
CA LEU A 221 9.69 -13.77 -19.81
C LEU A 221 8.41 -14.40 -20.24
N GLY A 222 8.11 -15.48 -19.52
CA GLY A 222 6.90 -16.19 -19.88
C GLY A 222 5.58 -15.78 -19.25
N GLY A 223 4.93 -16.78 -18.69
CA GLY A 223 3.65 -16.62 -17.99
C GLY A 223 3.54 -17.56 -16.78
N GLY A 224 2.31 -17.70 -16.29
CA GLY A 224 2.25 -18.53 -15.09
C GLY A 224 1.20 -18.10 -14.11
N VAL A 225 1.26 -18.75 -12.96
CA VAL A 225 0.23 -18.44 -11.97
C VAL A 225 0.76 -18.02 -10.59
N TYR A 226 0.55 -16.75 -10.18
CA TYR A 226 1.02 -16.26 -8.87
C TYR A 226 -0.12 -15.78 -7.98
N ARG A 227 -0.09 -16.26 -6.76
CA ARG A 227 -1.04 -15.75 -5.75
C ARG A 227 -0.48 -14.64 -4.88
N VAL A 228 -1.29 -13.60 -4.69
CA VAL A 228 -0.73 -12.47 -3.93
C VAL A 228 -0.73 -12.60 -2.42
N LEU A 229 0.40 -12.21 -1.78
CA LEU A 229 0.39 -12.22 -0.31
C LEU A 229 -0.75 -11.47 0.38
N PRO A 230 -0.98 -11.83 1.65
CA PRO A 230 -1.97 -11.09 2.41
C PRO A 230 -1.53 -9.72 2.74
N ASP A 231 -2.54 -8.86 2.76
CA ASP A 231 -2.33 -7.42 3.02
C ASP A 231 -2.02 -7.00 4.45
N ARG A 232 -0.77 -6.86 4.79
CA ARG A 232 -0.46 -6.55 6.18
C ARG A 232 -0.95 -5.23 6.77
N ILE A 233 -1.25 -4.21 5.91
CA ILE A 233 -1.87 -2.97 6.44
C ILE A 233 -3.40 -3.04 6.57
N GLU A 234 -4.03 -3.83 5.69
CA GLU A 234 -5.42 -4.13 6.06
C GLU A 234 -5.53 -4.99 7.31
N THR A 235 -4.55 -5.89 7.41
CA THR A 235 -4.43 -6.64 8.65
C THR A 235 -4.20 -5.78 9.88
N GLY A 236 -3.12 -5.00 9.85
CA GLY A 236 -2.91 -4.04 10.96
C GLY A 236 -4.10 -3.17 11.23
N THR A 237 -4.85 -2.84 10.17
CA THR A 237 -6.00 -2.00 10.48
C THR A 237 -7.05 -2.71 11.27
N PHE A 238 -7.35 -3.93 10.89
CA PHE A 238 -8.33 -4.63 11.69
C PHE A 238 -7.86 -5.05 13.03
N LEU A 239 -6.54 -5.22 13.20
CA LEU A 239 -6.08 -5.39 14.61
C LEU A 239 -6.15 -4.14 15.54
N VAL A 240 -5.76 -3.00 15.00
CA VAL A 240 -6.19 -1.76 15.66
C VAL A 240 -7.71 -1.59 15.83
N ALA A 241 -8.59 -1.87 14.81
CA ALA A 241 -10.04 -1.73 15.02
C ALA A 241 -10.50 -2.35 16.33
N ALA A 242 -10.06 -3.62 16.57
CA ALA A 242 -10.23 -4.26 17.89
C ALA A 242 -9.37 -3.87 19.11
N ALA A 243 -8.15 -3.41 18.98
CA ALA A 243 -7.56 -2.87 20.23
C ALA A 243 -8.12 -1.56 20.83
N ILE A 244 -8.25 -0.57 19.96
CA ILE A 244 -8.95 0.62 20.39
C ILE A 244 -10.37 0.41 20.80
N SER A 245 -11.02 -0.68 20.33
CA SER A 245 -12.42 -0.83 20.85
C SER A 245 -12.61 -1.86 21.97
N ARG A 246 -11.44 -2.17 22.57
CA ARG A 246 -11.40 -3.15 23.64
C ARG A 246 -12.05 -4.50 23.30
N GLY A 247 -11.92 -4.84 22.03
CA GLY A 247 -12.42 -6.13 21.60
C GLY A 247 -11.39 -7.28 21.50
N LYS A 248 -11.80 -8.07 20.53
CA LYS A 248 -10.96 -9.19 20.12
C LYS A 248 -11.38 -9.78 18.79
N ILE A 249 -10.37 -10.26 18.08
CA ILE A 249 -10.67 -10.64 16.71
C ILE A 249 -9.72 -11.70 16.20
N ILE A 250 -10.22 -12.42 15.18
CA ILE A 250 -9.23 -13.21 14.43
C ILE A 250 -9.19 -12.85 12.95
N CYS A 251 -7.93 -12.64 12.60
CA CYS A 251 -7.50 -12.41 11.23
C CYS A 251 -7.22 -13.72 10.56
N ARG A 252 -8.16 -14.03 9.67
CA ARG A 252 -7.87 -15.13 8.75
C ARG A 252 -7.18 -14.65 7.46
N ASN A 253 -6.40 -15.57 6.87
CA ASN A 253 -5.65 -15.39 5.60
C ASN A 253 -4.56 -14.37 5.67
N ALA A 254 -3.82 -14.60 6.74
CA ALA A 254 -2.81 -13.64 7.05
C ALA A 254 -1.43 -14.21 6.99
N GLN A 255 -0.52 -13.24 6.94
CA GLN A 255 0.87 -13.56 7.11
C GLN A 255 1.57 -12.84 8.29
N PRO A 256 1.52 -13.42 9.52
CA PRO A 256 2.21 -12.83 10.70
C PRO A 256 3.60 -12.26 10.52
N ASP A 257 4.38 -13.02 9.69
CA ASP A 257 5.77 -12.54 9.57
C ASP A 257 6.00 -11.23 8.87
N THR A 258 4.96 -10.67 8.21
CA THR A 258 5.06 -9.34 7.58
C THR A 258 4.66 -8.22 8.47
N LEU A 259 4.40 -8.57 9.77
CA LEU A 259 3.85 -7.63 10.78
C LEU A 259 4.59 -7.59 12.11
N ASP A 260 5.75 -8.27 12.18
CA ASP A 260 6.45 -8.30 13.48
C ASP A 260 6.47 -7.01 14.27
N ALA A 261 6.73 -5.89 13.60
CA ALA A 261 6.80 -4.63 14.37
C ALA A 261 5.50 -4.01 14.87
N VAL A 262 4.42 -4.15 14.10
CA VAL A 262 3.11 -3.84 14.65
C VAL A 262 2.70 -4.75 15.79
N LEU A 263 2.74 -6.05 15.55
CA LEU A 263 2.50 -6.92 16.69
C LEU A 263 3.26 -6.63 17.96
N ALA A 264 4.54 -6.35 17.88
CA ALA A 264 5.18 -5.93 19.15
C ALA A 264 4.57 -4.70 19.80
N LYS A 265 4.28 -3.75 18.93
CA LYS A 265 3.66 -2.47 19.36
C LYS A 265 2.30 -2.53 20.01
N LEU A 266 1.63 -3.56 19.54
CA LEU A 266 0.30 -3.84 20.06
C LEU A 266 0.40 -4.69 21.30
N ARG A 267 1.43 -5.57 21.34
CA ARG A 267 1.87 -6.11 22.65
C ARG A 267 2.16 -5.05 23.68
N ASP A 268 2.53 -3.87 23.16
CA ASP A 268 2.90 -2.80 24.07
C ASP A 268 1.87 -1.84 24.52
N ALA A 269 0.82 -1.78 23.68
CA ALA A 269 -0.47 -1.18 24.02
C ALA A 269 -1.33 -2.04 24.92
N GLY A 270 -0.83 -3.24 25.14
CA GLY A 270 -1.46 -4.14 26.11
C GLY A 270 -2.22 -5.34 25.53
N ALA A 271 -1.95 -5.63 24.24
CA ALA A 271 -2.82 -6.59 23.52
C ALA A 271 -2.44 -8.05 23.70
N ASP A 272 -3.44 -8.94 23.67
CA ASP A 272 -3.05 -10.35 23.76
C ASP A 272 -2.98 -10.97 22.37
N ILE A 273 -1.74 -10.99 21.83
CA ILE A 273 -1.66 -11.49 20.45
C ILE A 273 -1.15 -12.93 20.29
N GLU A 274 -2.03 -13.65 19.57
CA GLU A 274 -1.54 -14.96 19.16
C GLU A 274 -1.44 -15.20 17.70
N VAL A 275 -0.50 -16.05 17.35
CA VAL A 275 -0.40 -16.27 15.92
C VAL A 275 -0.18 -17.68 15.54
N GLY A 276 -0.90 -17.94 14.49
CA GLY A 276 -0.54 -19.18 13.83
C GLY A 276 -0.12 -18.86 12.44
N GLU A 277 0.07 -19.94 11.69
CA GLU A 277 0.62 -19.85 10.33
C GLU A 277 -0.03 -18.91 9.30
N ASP A 278 -1.37 -19.04 9.24
CA ASP A 278 -2.00 -18.04 8.39
C ASP A 278 -3.08 -17.18 9.04
N TRP A 279 -2.87 -16.94 10.33
CA TRP A 279 -3.87 -16.22 11.15
C TRP A 279 -3.24 -15.52 12.33
N ILE A 280 -3.86 -14.43 12.68
CA ILE A 280 -3.48 -13.74 13.92
C ILE A 280 -4.73 -13.39 14.73
N SER A 281 -4.65 -13.53 16.04
CA SER A 281 -5.73 -13.04 16.92
C SER A 281 -5.22 -12.06 17.92
N LEU A 282 -6.06 -11.08 18.15
CA LEU A 282 -5.72 -10.18 19.25
C LEU A 282 -6.87 -10.17 20.25
N ASP A 283 -6.46 -10.21 21.52
CA ASP A 283 -7.45 -10.02 22.56
C ASP A 283 -7.05 -8.93 23.47
N MET A 284 -7.88 -7.91 23.50
CA MET A 284 -7.63 -6.87 24.51
C MET A 284 -8.08 -7.12 25.99
N HIS A 285 -8.86 -8.20 26.10
CA HIS A 285 -9.59 -8.63 27.31
C HIS A 285 -10.44 -7.56 27.95
N GLY A 286 -11.17 -6.86 27.12
CA GLY A 286 -12.00 -5.83 27.74
C GLY A 286 -11.31 -4.52 28.02
N LYS A 287 -9.96 -4.59 28.17
CA LYS A 287 -9.20 -3.36 28.44
C LYS A 287 -8.90 -2.35 27.33
N ARG A 288 -8.58 -1.16 27.78
CA ARG A 288 -8.25 -0.03 26.90
C ARG A 288 -6.75 -0.06 26.58
N PRO A 289 -6.37 0.31 25.32
CA PRO A 289 -4.92 0.26 25.02
C PRO A 289 -4.07 1.20 25.88
N LYS A 290 -2.81 0.88 26.03
CA LYS A 290 -1.87 1.79 26.69
C LYS A 290 -1.03 2.60 25.70
N ALA A 291 -0.80 3.91 25.94
CA ALA A 291 0.07 4.56 24.94
C ALA A 291 1.44 3.94 24.61
N VAL A 292 1.66 3.86 23.28
CA VAL A 292 2.98 3.40 22.84
C VAL A 292 3.69 4.53 22.18
N ASN A 293 4.98 4.31 21.99
CA ASN A 293 5.78 5.25 21.20
C ASN A 293 6.29 4.62 19.97
N VAL A 294 5.99 5.26 18.85
CA VAL A 294 6.36 4.85 17.47
C VAL A 294 7.32 5.85 16.70
N ARG A 295 8.30 5.28 16.01
CA ARG A 295 8.94 5.94 14.85
C ARG A 295 8.72 5.12 13.57
N THR A 296 8.08 5.76 12.58
CA THR A 296 8.09 4.99 11.32
C THR A 296 9.37 5.09 10.59
N ALA A 297 9.50 4.16 9.62
CA ALA A 297 10.72 3.93 8.80
C ALA A 297 10.55 2.72 7.89
N PRO A 298 11.48 2.41 6.97
CA PRO A 298 11.13 1.28 6.09
C PRO A 298 11.26 -0.07 6.73
N HIS A 299 10.61 -1.03 6.02
CA HIS A 299 10.59 -2.40 6.50
C HIS A 299 12.03 -2.92 6.71
N PRO A 300 12.27 -3.61 7.83
CA PRO A 300 11.19 -4.14 8.68
C PRO A 300 10.76 -3.30 9.90
N ALA A 301 11.03 -1.97 9.91
CA ALA A 301 10.54 -1.22 11.07
C ALA A 301 9.03 -0.94 11.08
N PHE A 302 8.59 -0.05 11.96
CA PHE A 302 7.15 0.23 11.93
C PHE A 302 6.69 0.96 10.64
N PRO A 303 5.76 0.33 9.90
CA PRO A 303 5.35 0.93 8.62
C PRO A 303 4.58 2.24 8.72
N THR A 304 5.09 3.36 8.14
CA THR A 304 4.26 4.54 7.83
C THR A 304 2.79 4.30 7.48
N ASP A 305 2.54 3.27 6.72
CA ASP A 305 1.13 3.01 6.38
C ASP A 305 0.20 2.56 7.50
N MET A 306 0.77 2.22 8.67
CA MET A 306 0.02 2.11 9.96
C MET A 306 0.04 3.33 10.92
N GLN A 307 0.79 4.36 10.51
CA GLN A 307 0.91 5.50 11.43
C GLN A 307 -0.36 6.23 11.79
N ALA A 308 -1.28 6.33 10.82
CA ALA A 308 -2.52 7.07 11.11
C ALA A 308 -3.43 6.32 12.08
N GLN A 309 -3.35 4.98 11.93
CA GLN A 309 -4.14 4.10 12.78
C GLN A 309 -3.64 3.95 14.19
N PHE A 310 -2.32 3.75 14.35
CA PHE A 310 -1.67 4.00 15.65
C PHE A 310 -1.79 5.40 16.22
N THR A 311 -1.92 6.41 15.37
CA THR A 311 -2.37 7.71 15.92
C THR A 311 -3.68 7.67 16.67
N LEU A 312 -4.70 7.14 16.03
CA LEU A 312 -5.93 7.02 16.79
C LEU A 312 -5.83 6.14 18.03
N LEU A 313 -5.04 5.05 17.93
CA LEU A 313 -4.93 4.15 19.08
C LEU A 313 -4.41 4.89 20.28
N ASN A 314 -3.22 5.47 20.12
CA ASN A 314 -2.73 6.41 21.13
C ASN A 314 -3.73 7.49 21.62
N LEU A 315 -4.53 8.14 20.75
CA LEU A 315 -5.40 9.23 21.24
C LEU A 315 -6.71 8.82 22.01
N VAL A 316 -6.81 7.48 22.18
CA VAL A 316 -7.74 6.81 23.10
C VAL A 316 -7.11 5.66 23.93
N ALA A 317 -5.79 5.77 24.12
CA ALA A 317 -5.10 4.89 25.04
C ALA A 317 -4.78 5.55 26.40
N GLU A 318 -4.29 4.73 27.34
CA GLU A 318 -3.91 5.39 28.56
C GLU A 318 -2.53 5.98 28.56
N GLY A 319 -2.47 7.30 28.48
CA GLY A 319 -1.13 7.87 28.59
C GLY A 319 -0.78 8.83 27.48
N THR A 320 0.46 9.31 27.61
CA THR A 320 1.05 9.97 26.43
C THR A 320 1.89 9.08 25.52
N GLY A 321 1.47 8.95 24.27
CA GLY A 321 2.30 8.35 23.20
C GLY A 321 2.89 9.37 22.24
N PHE A 322 4.19 9.25 21.91
CA PHE A 322 4.70 10.03 20.75
C PHE A 322 4.86 9.18 19.50
N ILE A 323 4.44 9.73 18.36
CA ILE A 323 4.67 9.04 17.07
C ILE A 323 5.42 9.90 16.07
N THR A 324 6.66 9.50 15.77
CA THR A 324 7.37 10.25 14.73
C THR A 324 7.24 9.67 13.34
N GLU A 325 6.69 10.46 12.43
CA GLU A 325 6.66 9.97 11.05
C GLU A 325 7.89 10.36 10.27
N THR A 326 8.60 9.36 9.76
CA THR A 326 9.82 9.92 9.12
C THR A 326 9.93 9.74 7.63
N VAL A 327 9.13 8.76 7.14
CA VAL A 327 9.06 8.40 5.72
C VAL A 327 8.41 9.36 4.77
N PHE A 328 7.30 9.95 5.22
CA PHE A 328 6.55 10.93 4.41
C PHE A 328 6.27 12.21 5.17
N GLU A 329 6.29 13.35 4.43
CA GLU A 329 6.28 14.60 5.19
C GLU A 329 5.00 15.44 5.21
N ASN A 330 3.91 14.82 4.81
CA ASN A 330 2.64 15.46 5.03
C ASN A 330 1.59 14.39 5.27
N ARG A 331 1.91 13.57 6.28
CA ARG A 331 1.07 12.47 6.75
C ARG A 331 0.51 12.57 8.17
N PHE A 332 0.22 13.81 8.57
CA PHE A 332 -0.62 14.12 9.74
C PHE A 332 -1.90 14.90 9.44
N MET A 333 -2.41 14.64 8.25
CA MET A 333 -3.65 15.34 7.99
C MET A 333 -4.90 14.68 8.62
N HIS A 334 -4.70 13.45 9.14
CA HIS A 334 -5.77 12.90 9.99
C HIS A 334 -5.91 13.61 11.36
N VAL A 335 -4.75 14.01 11.95
CA VAL A 335 -4.79 14.68 13.27
C VAL A 335 -5.85 15.74 13.51
N PRO A 336 -5.87 16.85 12.75
CA PRO A 336 -6.94 17.81 13.10
C PRO A 336 -8.38 17.33 12.94
N GLU A 337 -8.54 16.24 12.18
CA GLU A 337 -9.88 15.65 12.02
C GLU A 337 -10.31 14.76 13.18
N LEU A 338 -9.26 14.07 13.67
CA LEU A 338 -9.40 13.45 14.99
C LEU A 338 -9.60 14.44 16.17
N SER A 339 -8.82 15.54 16.22
CA SER A 339 -9.18 16.65 17.13
C SER A 339 -10.57 17.18 17.09
N ARG A 340 -11.22 17.13 15.95
CA ARG A 340 -12.61 17.64 16.03
C ARG A 340 -13.56 16.64 16.67
N MET A 341 -13.02 15.44 16.74
CA MET A 341 -13.78 14.50 17.55
C MET A 341 -13.39 14.43 19.03
N GLY A 342 -12.72 15.50 19.54
CA GLY A 342 -12.26 15.37 20.93
C GLY A 342 -10.78 15.13 21.25
N ALA A 343 -9.92 14.72 20.28
CA ALA A 343 -8.60 14.27 20.70
C ALA A 343 -7.58 15.31 21.14
N HIS A 344 -6.59 14.82 21.86
CA HIS A 344 -5.53 15.75 22.30
C HIS A 344 -4.20 15.26 21.82
N ALA A 345 -3.83 15.92 20.73
CA ALA A 345 -2.55 15.86 20.04
C ALA A 345 -1.92 17.26 19.89
N GLU A 346 -0.59 17.38 20.11
CA GLU A 346 0.26 18.59 19.78
C GLU A 346 1.06 18.06 18.53
N ILE A 347 1.07 18.77 17.39
CA ILE A 347 2.20 18.32 16.53
C ILE A 347 3.47 19.19 16.78
N GLU A 348 4.62 18.53 16.80
CA GLU A 348 5.87 19.31 16.86
C GLU A 348 6.88 18.76 15.88
N SER A 349 7.10 19.47 14.75
CA SER A 349 7.86 19.00 13.57
C SER A 349 7.33 17.64 13.12
N ASN A 350 8.22 16.71 12.83
CA ASN A 350 7.64 15.39 12.56
C ASN A 350 7.01 14.49 13.61
N THR A 351 6.81 15.08 14.80
CA THR A 351 6.13 14.16 15.74
C THR A 351 4.70 14.54 16.15
N VAL A 352 3.76 13.56 16.22
CA VAL A 352 2.51 13.91 16.89
C VAL A 352 2.54 13.40 18.30
N ILE A 353 2.51 14.37 19.23
CA ILE A 353 2.38 14.04 20.69
C ILE A 353 0.96 13.68 21.16
N CYS A 354 0.88 12.56 21.82
CA CYS A 354 -0.52 12.13 21.89
C CYS A 354 -0.97 11.84 23.26
N HIS A 355 -1.97 12.64 23.70
CA HIS A 355 -2.54 12.41 25.05
C HIS A 355 -3.79 11.64 25.03
N GLY A 356 -3.66 10.37 25.34
CA GLY A 356 -4.91 9.57 25.32
C GLY A 356 -6.19 10.00 26.11
N VAL A 357 -7.28 10.29 25.38
CA VAL A 357 -8.55 10.36 26.11
C VAL A 357 -9.37 9.07 26.12
N GLU A 358 -10.27 8.96 27.10
CA GLU A 358 -11.09 7.75 27.20
C GLU A 358 -12.18 7.58 26.17
N LYS A 359 -12.73 8.72 25.77
CA LYS A 359 -13.71 8.64 24.68
C LYS A 359 -13.74 9.87 23.82
N LEU A 360 -14.10 9.58 22.57
CA LEU A 360 -14.15 10.61 21.53
C LEU A 360 -15.54 10.87 21.21
N SER A 361 -15.79 12.10 20.93
CA SER A 361 -17.17 12.31 20.52
C SER A 361 -17.44 12.17 19.06
N GLY A 362 -18.54 11.56 18.66
CA GLY A 362 -18.78 11.53 17.22
C GLY A 362 -18.93 12.90 16.57
N ALA A 363 -18.28 13.00 15.37
CA ALA A 363 -18.21 14.24 14.54
C ALA A 363 -18.20 14.15 12.99
N GLN A 364 -18.30 15.34 12.45
CA GLN A 364 -18.11 15.33 11.01
C GLN A 364 -16.75 15.82 10.48
N VAL A 365 -16.15 14.74 9.94
CA VAL A 365 -14.77 14.72 9.51
C VAL A 365 -14.57 14.48 8.00
N MET A 366 -13.33 14.77 7.61
CA MET A 366 -12.99 14.53 6.24
C MET A 366 -11.82 13.67 6.01
N ALA A 367 -12.08 12.70 5.13
CA ALA A 367 -10.96 11.94 4.59
C ALA A 367 -10.07 12.77 3.68
N THR A 368 -8.82 12.69 4.08
CA THR A 368 -7.74 13.31 3.30
C THR A 368 -6.81 12.34 2.48
N ASP A 369 -6.85 11.02 2.83
CA ASP A 369 -6.02 9.98 2.21
C ASP A 369 -6.42 8.53 2.49
N LEU A 370 -5.70 7.52 1.98
CA LEU A 370 -6.28 6.19 2.21
C LEU A 370 -6.34 5.82 3.68
N ARG A 371 -5.14 5.68 4.25
CA ARG A 371 -5.07 5.36 5.67
C ARG A 371 -5.69 6.39 6.65
N ALA A 372 -5.48 7.70 6.46
CA ALA A 372 -6.49 8.57 7.11
C ALA A 372 -7.96 8.16 7.03
N SER A 373 -8.48 7.89 5.85
CA SER A 373 -9.90 7.53 5.83
C SER A 373 -10.31 6.31 6.63
N ALA A 374 -9.46 5.27 6.62
CA ALA A 374 -9.78 4.10 7.50
C ALA A 374 -9.77 4.39 8.97
N SER A 375 -8.71 5.16 9.35
CA SER A 375 -8.62 5.72 10.72
C SER A 375 -9.83 6.47 11.15
N LEU A 376 -10.21 7.44 10.32
CA LEU A 376 -11.44 8.14 10.66
C LEU A 376 -12.71 7.27 10.78
N VAL A 377 -12.78 6.19 9.98
CA VAL A 377 -13.96 5.29 10.16
C VAL A 377 -13.99 4.39 11.42
N LEU A 378 -12.79 3.86 11.73
CA LEU A 378 -12.56 3.20 13.00
C LEU A 378 -12.81 4.17 14.15
N ALA A 379 -12.27 5.41 14.03
CA ALA A 379 -12.60 6.37 15.10
C ALA A 379 -14.08 6.58 15.33
N GLY A 380 -14.86 6.72 14.25
CA GLY A 380 -16.31 6.85 14.50
C GLY A 380 -17.07 5.60 14.97
N CYS A 381 -16.48 4.44 14.69
CA CYS A 381 -17.04 3.23 15.33
C CYS A 381 -17.05 3.30 16.85
N ILE A 382 -15.92 3.75 17.33
CA ILE A 382 -15.75 3.96 18.74
C ILE A 382 -16.24 5.27 19.37
N ALA A 383 -16.47 6.31 18.55
CA ALA A 383 -16.88 7.61 19.13
C ALA A 383 -18.29 7.55 19.77
N GLU A 384 -18.66 8.63 20.45
CA GLU A 384 -20.01 8.76 20.96
C GLU A 384 -20.94 9.46 20.02
N GLY A 385 -21.86 8.67 19.57
CA GLY A 385 -22.74 9.32 18.64
C GLY A 385 -22.41 9.09 17.20
N THR A 386 -22.63 10.16 16.46
CA THR A 386 -22.53 10.11 14.97
C THR A 386 -21.32 10.79 14.36
N THR A 387 -20.55 9.93 13.66
CA THR A 387 -19.54 10.44 12.74
C THR A 387 -19.96 10.35 11.30
N VAL A 388 -19.75 11.47 10.66
CA VAL A 388 -19.80 11.35 9.20
C VAL A 388 -18.46 11.68 8.60
N VAL A 389 -17.92 10.63 7.97
CA VAL A 389 -16.69 10.70 7.15
C VAL A 389 -16.95 11.12 5.70
N ASP A 390 -16.71 12.39 5.45
CA ASP A 390 -16.82 12.79 4.04
C ASP A 390 -15.67 12.31 3.14
N ARG A 391 -15.98 12.15 1.85
CA ARG A 391 -14.98 11.61 0.91
C ARG A 391 -14.53 10.20 1.17
N ILE A 392 -15.53 9.36 1.32
CA ILE A 392 -15.09 8.02 1.66
C ILE A 392 -14.48 7.27 0.49
N TYR A 393 -14.54 7.91 -0.66
CA TYR A 393 -13.91 7.23 -1.77
C TYR A 393 -12.50 6.76 -1.55
N HIS A 394 -11.76 7.57 -0.78
CA HIS A 394 -10.38 7.12 -0.53
C HIS A 394 -10.27 5.75 0.08
N ILE A 395 -11.28 5.39 0.87
CA ILE A 395 -11.10 4.08 1.51
C ILE A 395 -11.06 2.91 0.51
N ASP A 396 -11.91 3.13 -0.51
CA ASP A 396 -12.02 2.21 -1.65
C ASP A 396 -10.78 1.87 -2.48
N ARG A 397 -9.79 2.73 -2.33
CA ARG A 397 -8.55 2.32 -2.97
C ARG A 397 -7.70 1.22 -2.39
N GLY A 398 -7.96 0.92 -1.08
CA GLY A 398 -7.14 -0.13 -0.39
C GLY A 398 -7.73 -1.17 0.58
N TYR A 399 -9.07 -1.01 0.75
CA TYR A 399 -9.94 -1.87 1.60
C TYR A 399 -11.20 -2.32 0.88
N GLU A 400 -11.02 -3.49 0.26
CA GLU A 400 -12.11 -4.19 -0.43
C GLU A 400 -13.23 -4.54 0.53
N ARG A 401 -14.50 -4.28 0.13
CA ARG A 401 -15.62 -4.64 1.05
C ARG A 401 -15.59 -4.19 2.50
N ILE A 402 -15.03 -2.97 2.78
CA ILE A 402 -14.79 -2.74 4.23
C ILE A 402 -16.00 -2.48 5.16
N GLU A 403 -17.06 -1.91 4.61
CA GLU A 403 -18.28 -1.67 5.40
C GLU A 403 -19.00 -2.92 5.90
N ASP A 404 -18.85 -3.93 5.02
CA ASP A 404 -19.21 -5.34 5.24
C ASP A 404 -18.30 -6.06 6.20
N LYS A 405 -16.99 -5.82 6.02
CA LYS A 405 -16.10 -6.43 7.00
C LYS A 405 -16.15 -5.85 8.41
N LEU A 406 -16.18 -4.52 8.50
CA LEU A 406 -16.45 -3.88 9.82
C LEU A 406 -17.85 -4.07 10.39
N ARG A 407 -18.85 -4.11 9.50
CA ARG A 407 -20.15 -4.52 10.02
C ARG A 407 -20.36 -5.99 10.43
N ALA A 408 -19.61 -6.90 9.80
CA ALA A 408 -19.45 -8.21 10.47
C ALA A 408 -18.79 -8.26 11.89
N LEU A 409 -18.09 -7.17 12.24
CA LEU A 409 -17.48 -7.12 13.59
C LEU A 409 -18.36 -6.31 14.54
N GLY A 410 -19.57 -6.02 14.02
CA GLY A 410 -20.50 -5.32 14.88
C GLY A 410 -20.70 -3.90 14.57
N ALA A 411 -19.92 -3.44 13.60
CA ALA A 411 -20.02 -2.00 13.36
C ALA A 411 -21.30 -1.51 12.75
N ASN A 412 -21.57 -0.28 13.16
CA ASN A 412 -22.72 0.37 12.56
C ASN A 412 -22.29 1.51 11.64
N ILE A 413 -22.26 1.13 10.35
CA ILE A 413 -21.81 1.98 9.25
C ILE A 413 -22.83 2.03 8.16
N GLU A 414 -22.86 3.22 7.60
CA GLU A 414 -23.76 3.39 6.48
C GLU A 414 -23.33 4.40 5.40
N ARG A 415 -23.27 3.91 4.17
CA ARG A 415 -22.87 4.76 3.05
C ARG A 415 -23.93 5.65 2.47
N VAL A 416 -23.68 6.95 2.62
CA VAL A 416 -24.71 7.90 2.15
C VAL A 416 -24.45 8.66 0.88
N LYS A 417 -25.53 8.65 0.07
CA LYS A 417 -25.55 9.28 -1.26
C LYS A 417 -24.54 10.38 -1.59
N GLY A 418 -24.76 11.61 -1.10
CA GLY A 418 -23.70 12.60 -1.37
C GLY A 418 -23.96 14.11 -1.20
C1 TET B . 11.27 8.62 -5.60
N1 TET B . 11.77 9.62 -4.92
C3 TET B . 11.54 9.89 -3.67
N2 TET B . 10.68 9.12 -2.94
C5 TET B . 10.10 8.05 -3.52
C6 TET B . 10.36 7.80 -4.86
O1 TET B . 11.53 8.49 -6.77
O2 TET B . 12.04 10.92 -3.20
C9 TET B . 8.92 9.65 -1.18
C2 TET B . 10.41 9.48 -1.54
O3 TET B . 10.82 8.33 -0.85
C4 TET B . 10.03 8.11 0.28
C15 TET B . 8.91 9.22 0.33
C12 TET B . 9.50 6.67 0.04
O14 TET B . 9.19 10.51 1.04
O11 TET B . 8.21 10.83 -1.80
O4 TET B . 8.55 6.54 -1.05
P1 TET B . 8.35 5.15 -1.70
O5 TET B . 9.06 4.23 -0.84
O6 TET B . 8.84 5.09 -3.07
O7 TET B . 6.98 4.63 -1.52
P2 TET B . 6.02 4.55 -2.66
O8 TET B . 4.71 3.78 -2.34
O9 TET B . 6.57 3.67 -3.64
O10 TET B . 5.77 5.85 -3.25
C10 TET B . 4.68 2.53 -1.67
C18 TET B . 3.24 2.24 -1.25
C13 TET B . 2.72 3.26 -0.25
C20 TET B . 3.70 3.23 0.98
C16 TET B . 5.10 3.55 0.46
C17 TET B . 6.17 3.73 1.57
C7 TET B . 2.32 1.43 -3.33
N3 TET B . 2.33 2.31 -2.36
O21 TET B . 1.39 2.85 0.13
O22 TET B . 3.58 4.06 2.20
O23 TET B . 5.49 2.56 -0.51
O24 TET B . 6.47 2.57 2.51
O12 TET B . 3.20 0.60 -3.38
C8 TET B . 1.15 1.57 -4.29
C11 TET B . 0.23 3.75 -0.06
C19 TET B . 0.52 5.21 0.01
O13 TET B . -0.28 3.56 -1.40
P3 TET B . -0.36 4.68 -2.44
O15 TET B . -1.54 4.16 -3.02
O16 TET B . 0.82 4.75 -3.35
O17 TET B . -0.81 5.94 -1.91
C14 TET B . -0.81 3.48 1.13
O18 TET B . -1.49 2.37 0.96
O19 TET B . -1.03 4.19 2.08
F1 TET B . 1.54 5.35 0.88
#